data_3DC4
#
_entry.id   3DC4
#
_cell.length_a   47.829
_cell.length_b   75.715
_cell.length_c   94.580
_cell.angle_alpha   90.00
_cell.angle_beta   90.00
_cell.angle_gamma   90.00
#
_symmetry.space_group_name_H-M   'P 21 21 21'
#
loop_
_entity.id
_entity.type
_entity.pdbx_description
1 polymer 'Kinesin-like protein Nod'
2 non-polymer 'MAGNESIUM ION'
3 non-polymer "ADENOSINE-5'-DIPHOSPHATE"
4 water water
#
_entity_poly.entity_id   1
_entity_poly.type   'polypeptide(L)'
_entity_poly.pdbx_seq_one_letter_code
;MASDYKDDDDKRRRGMEGAKLSAVRIAVREAPYRQFLGRREPSVVQFPPWSDGKSLIVDQNEFHFDHAFPATISQDEMYQ
ALILPLVDKLLEGFQCTALAYGQTGTGKSYSMGMTPPGEILPEHLGILPRALGDIFERVTARQENNKDAIQVYASFIEIY
NEKPFDLLGSTPHMPMVAARCQRCTCLPLHSQADLHHILELGTRNRRVRPTNMNSNSSRSHAIVTIHVKSKTHHSRMNIV
DLAGSEGVRRTGHEGVARQEGVNINLGLLSINKVVMSMAAGHTVIPYRDSVLTTVLQASLTAQSYLTFLACISPHQCDLS
ETLSTLRFGTSAKAAALEHHHHHH
;
_entity_poly.pdbx_strand_id   A
#
loop_
_chem_comp.id
_chem_comp.type
_chem_comp.name
_chem_comp.formula
ADP non-polymer ADENOSINE-5'-DIPHOSPHATE 'C10 H15 N5 O10 P2'
MG non-polymer 'MAGNESIUM ION' 'Mg 2'
#
# COMPACT_ATOMS: atom_id res chain seq x y z
N ALA A 19 -13.30 -17.27 -2.11
CA ALA A 19 -13.88 -16.48 -3.25
C ALA A 19 -12.85 -15.50 -3.81
N LYS A 20 -13.33 -14.49 -4.52
CA LYS A 20 -12.46 -13.49 -5.13
C LYS A 20 -12.44 -12.20 -4.32
N LEU A 21 -11.48 -11.34 -4.60
CA LEU A 21 -11.36 -10.06 -3.92
C LEU A 21 -12.47 -9.15 -4.46
N SER A 22 -12.84 -8.13 -3.71
CA SER A 22 -13.89 -7.22 -4.18
C SER A 22 -13.40 -6.35 -5.32
N ALA A 23 -12.12 -6.00 -5.30
CA ALA A 23 -11.55 -5.17 -6.34
C ALA A 23 -10.03 -5.10 -6.25
N VAL A 24 -9.37 -5.26 -7.39
CA VAL A 24 -7.92 -5.15 -7.46
C VAL A 24 -7.67 -4.02 -8.43
N ARG A 25 -7.12 -2.91 -7.94
CA ARG A 25 -6.87 -1.74 -8.76
C ARG A 25 -5.38 -1.43 -8.92
N ILE A 26 -5.02 -0.87 -10.07
CA ILE A 26 -3.62 -0.53 -10.33
C ILE A 26 -3.50 0.90 -10.82
N ALA A 27 -2.63 1.66 -10.16
CA ALA A 27 -2.40 3.05 -10.50
C ALA A 27 -0.90 3.27 -10.70
N VAL A 28 -0.58 4.26 -11.52
CA VAL A 28 0.81 4.63 -11.77
C VAL A 28 0.96 6.11 -11.50
N ARG A 29 2.05 6.46 -10.82
CA ARG A 29 2.35 7.85 -10.53
C ARG A 29 3.74 8.19 -11.01
N GLU A 30 3.82 9.19 -11.88
CA GLU A 30 5.09 9.63 -12.43
C GLU A 30 5.77 10.53 -11.40
N ALA A 31 7.02 10.25 -11.08
CA ALA A 31 7.76 11.08 -10.12
C ALA A 31 8.13 12.41 -10.79
N PRO A 32 8.43 13.44 -10.00
CA PRO A 32 8.80 14.76 -10.55
C PRO A 32 10.06 14.67 -11.41
N TYR A 33 10.13 15.51 -12.43
CA TYR A 33 11.28 15.52 -13.32
C TYR A 33 12.37 16.43 -12.75
N ARG A 34 13.60 15.92 -12.72
CA ARG A 34 14.74 16.67 -12.21
C ARG A 34 15.30 17.58 -13.30
N PRO A 42 13.66 15.55 -21.07
CA PRO A 42 12.55 14.90 -21.77
C PRO A 42 12.07 13.63 -21.05
N SER A 43 10.87 13.70 -20.48
CA SER A 43 10.31 12.56 -19.76
C SER A 43 10.08 11.37 -20.69
N VAL A 44 10.44 10.19 -20.22
CA VAL A 44 10.24 8.98 -21.00
C VAL A 44 8.79 8.57 -20.91
N VAL A 45 8.06 9.19 -19.98
CA VAL A 45 6.65 8.89 -19.78
C VAL A 45 5.81 9.81 -20.64
N GLN A 46 4.99 9.22 -21.49
CA GLN A 46 4.14 10.01 -22.35
C GLN A 46 2.67 9.76 -22.06
N PHE A 47 1.94 10.84 -21.86
CA PHE A 47 0.50 10.74 -21.63
C PHE A 47 -0.12 11.21 -22.95
N PRO A 48 -0.66 10.28 -23.75
CA PRO A 48 -1.28 10.58 -25.04
C PRO A 48 -2.27 11.74 -24.99
N PRO A 49 -2.21 12.63 -26.00
CA PRO A 49 -3.11 13.79 -26.07
C PRO A 49 -4.57 13.36 -25.99
N TRP A 50 -4.88 12.22 -26.59
CA TRP A 50 -6.23 11.67 -26.57
C TRP A 50 -6.15 10.34 -25.83
N SER A 51 -6.76 10.28 -24.65
CA SER A 51 -6.75 9.06 -23.87
C SER A 51 -7.80 9.15 -22.80
N ASP A 52 -8.02 8.04 -22.11
CA ASP A 52 -9.01 7.96 -21.05
C ASP A 52 -8.46 8.38 -19.69
N GLY A 53 -7.21 8.86 -19.67
CA GLY A 53 -6.60 9.29 -18.42
C GLY A 53 -6.05 8.11 -17.62
N LYS A 54 -6.04 6.93 -18.21
CA LYS A 54 -5.56 5.74 -17.53
C LYS A 54 -4.44 5.05 -18.30
N SER A 55 -3.98 5.72 -19.34
CA SER A 55 -2.96 5.18 -20.23
C SER A 55 -1.69 5.98 -20.31
N LEU A 56 -0.61 5.29 -20.66
CA LEU A 56 0.67 5.94 -20.82
C LEU A 56 1.52 5.14 -21.78
N ILE A 57 2.51 5.80 -22.34
CA ILE A 57 3.40 5.16 -23.29
C ILE A 57 4.83 5.37 -22.84
N VAL A 58 5.57 4.27 -22.76
CA VAL A 58 6.95 4.32 -22.35
C VAL A 58 7.72 3.41 -23.30
N ASP A 59 8.76 3.97 -23.91
CA ASP A 59 9.59 3.24 -24.86
C ASP A 59 8.71 2.57 -25.92
N GLN A 60 7.76 3.32 -26.45
CA GLN A 60 6.84 2.85 -27.48
C GLN A 60 5.83 1.79 -27.03
N ASN A 61 5.86 1.48 -25.74
CA ASN A 61 4.94 0.49 -25.18
C ASN A 61 3.75 1.19 -24.57
N GLU A 62 2.57 0.69 -24.84
CA GLU A 62 1.36 1.30 -24.31
C GLU A 62 0.86 0.53 -23.08
N PHE A 63 0.65 1.26 -21.99
CA PHE A 63 0.19 0.67 -20.74
C PHE A 63 -1.19 1.20 -20.34
N HIS A 64 -2.05 0.30 -19.89
CA HIS A 64 -3.39 0.68 -19.47
C HIS A 64 -3.72 0.18 -18.09
N PHE A 65 -4.00 1.11 -17.18
CA PHE A 65 -4.34 0.72 -15.82
C PHE A 65 -5.64 1.39 -15.39
N ASP A 66 -5.85 1.52 -14.09
CA ASP A 66 -7.07 2.16 -13.60
C ASP A 66 -6.87 3.64 -13.36
N HIS A 67 -5.61 4.03 -13.17
CA HIS A 67 -5.26 5.42 -12.91
C HIS A 67 -3.85 5.69 -13.42
N ALA A 68 -3.67 6.81 -14.11
CA ALA A 68 -2.34 7.20 -14.60
C ALA A 68 -2.18 8.66 -14.19
N PHE A 69 -1.37 8.88 -13.14
CA PHE A 69 -1.14 10.21 -12.59
C PHE A 69 0.17 10.85 -13.02
N PRO A 70 0.10 11.99 -13.72
CA PRO A 70 1.33 12.67 -14.15
C PRO A 70 2.00 13.34 -12.95
N ALA A 71 3.24 13.78 -13.13
CA ALA A 71 3.99 14.41 -12.05
C ALA A 71 3.29 15.64 -11.46
N THR A 72 2.29 16.18 -12.16
CA THR A 72 1.59 17.36 -11.67
C THR A 72 0.45 17.08 -10.70
N ILE A 73 0.07 15.81 -10.53
CA ILE A 73 -1.02 15.46 -9.63
C ILE A 73 -0.62 15.68 -8.18
N SER A 74 -1.47 16.39 -7.42
CA SER A 74 -1.19 16.65 -6.03
C SER A 74 -1.52 15.45 -5.15
N GLN A 75 -1.07 15.49 -3.90
CA GLN A 75 -1.34 14.42 -2.93
C GLN A 75 -2.84 14.31 -2.71
N ASP A 76 -3.50 15.45 -2.55
CA ASP A 76 -4.93 15.48 -2.31
C ASP A 76 -5.70 14.77 -3.43
N GLU A 77 -5.40 15.11 -4.67
CA GLU A 77 -6.08 14.48 -5.80
C GLU A 77 -5.82 12.99 -5.85
N MET A 78 -4.56 12.60 -5.72
CA MET A 78 -4.19 11.20 -5.75
C MET A 78 -4.92 10.42 -4.67
N TYR A 79 -4.96 10.97 -3.46
CA TYR A 79 -5.62 10.32 -2.33
C TYR A 79 -7.13 10.23 -2.59
N GLN A 80 -7.73 11.34 -3.01
CA GLN A 80 -9.16 11.36 -3.26
C GLN A 80 -9.57 10.35 -4.33
N ALA A 81 -8.79 10.24 -5.39
CA ALA A 81 -9.11 9.31 -6.47
C ALA A 81 -8.83 7.86 -6.17
N LEU A 82 -7.71 7.61 -5.50
CA LEU A 82 -7.29 6.24 -5.25
C LEU A 82 -7.57 5.62 -3.90
N ILE A 83 -7.51 6.40 -2.83
CA ILE A 83 -7.69 5.84 -1.51
C ILE A 83 -9.00 6.16 -0.80
N LEU A 84 -9.46 7.39 -0.91
CA LEU A 84 -10.70 7.79 -0.25
C LEU A 84 -11.81 6.76 -0.41
N PRO A 85 -12.02 6.24 -1.64
CA PRO A 85 -13.08 5.24 -1.85
C PRO A 85 -12.94 4.02 -0.93
N LEU A 86 -11.71 3.68 -0.56
CA LEU A 86 -11.47 2.53 0.30
C LEU A 86 -11.88 2.78 1.74
N VAL A 87 -11.93 4.05 2.14
CA VAL A 87 -12.29 4.37 3.51
C VAL A 87 -13.66 3.81 3.88
N ASP A 88 -14.65 3.99 3.02
CA ASP A 88 -15.96 3.45 3.32
C ASP A 88 -15.93 1.93 3.44
N LYS A 89 -15.16 1.29 2.57
CA LYS A 89 -15.06 -0.17 2.59
C LYS A 89 -14.46 -0.61 3.93
N LEU A 90 -13.40 0.06 4.36
CA LEU A 90 -12.77 -0.26 5.63
C LEU A 90 -13.80 -0.18 6.76
N LEU A 91 -14.54 0.92 6.79
CA LEU A 91 -15.56 1.12 7.82
C LEU A 91 -16.67 0.08 7.73
N GLU A 92 -16.92 -0.44 6.54
CA GLU A 92 -17.96 -1.44 6.36
C GLU A 92 -17.45 -2.81 6.80
N GLY A 93 -16.16 -2.90 7.10
CA GLY A 93 -15.58 -4.15 7.56
C GLY A 93 -14.71 -4.91 6.58
N PHE A 94 -14.48 -4.34 5.39
CA PHE A 94 -13.63 -5.03 4.43
C PHE A 94 -12.14 -4.71 4.64
N GLN A 95 -11.28 -5.70 4.43
CA GLN A 95 -9.85 -5.51 4.58
C GLN A 95 -9.38 -4.75 3.34
N CYS A 96 -8.47 -3.80 3.53
CA CYS A 96 -7.97 -2.97 2.44
C CYS A 96 -6.45 -2.86 2.46
N THR A 97 -5.84 -2.91 1.27
CA THR A 97 -4.39 -2.80 1.16
C THR A 97 -4.01 -1.85 0.01
N ALA A 98 -3.17 -0.86 0.31
CA ALA A 98 -2.70 0.08 -0.69
C ALA A 98 -1.19 -0.12 -0.65
N LEU A 99 -0.64 -0.55 -1.77
CA LEU A 99 0.78 -0.84 -1.84
C LEU A 99 1.55 -0.07 -2.91
N ALA A 100 2.60 0.60 -2.48
CA ALA A 100 3.44 1.36 -3.38
C ALA A 100 4.67 0.53 -3.68
N TYR A 101 5.04 0.48 -4.95
CA TYR A 101 6.21 -0.27 -5.37
C TYR A 101 6.88 0.47 -6.50
N GLY A 102 8.11 0.07 -6.80
CA GLY A 102 8.83 0.72 -7.87
C GLY A 102 10.23 1.08 -7.42
N GLN A 103 10.99 1.67 -8.34
CA GLN A 103 12.37 2.07 -8.11
C GLN A 103 12.59 3.08 -6.98
N THR A 104 13.72 2.94 -6.30
CA THR A 104 14.05 3.86 -5.22
C THR A 104 14.09 5.27 -5.77
N GLY A 105 13.55 6.21 -5.00
CA GLY A 105 13.55 7.61 -5.41
C GLY A 105 12.41 8.05 -6.32
N THR A 106 11.40 7.20 -6.47
CA THR A 106 10.27 7.52 -7.35
C THR A 106 9.04 8.06 -6.61
N GLY A 107 9.15 8.26 -5.30
CA GLY A 107 8.04 8.81 -4.55
C GLY A 107 7.16 7.85 -3.75
N LYS A 108 7.59 6.61 -3.56
CA LYS A 108 6.78 5.67 -2.80
C LYS A 108 6.49 6.16 -1.38
N SER A 109 7.53 6.45 -0.61
CA SER A 109 7.36 6.93 0.76
C SER A 109 6.59 8.24 0.82
N TYR A 110 6.91 9.12 -0.12
CA TYR A 110 6.23 10.41 -0.21
C TYR A 110 4.73 10.20 -0.42
N SER A 111 4.37 9.35 -1.37
CA SER A 111 2.96 9.07 -1.70
C SER A 111 2.18 8.41 -0.57
N MET A 112 2.80 7.44 0.10
CA MET A 112 2.12 6.74 1.16
C MET A 112 2.07 7.51 2.47
N GLY A 113 2.92 8.52 2.60
CA GLY A 113 2.95 9.34 3.81
C GLY A 113 3.62 8.65 4.98
N MET A 114 4.79 8.07 4.72
CA MET A 114 5.55 7.36 5.73
C MET A 114 6.36 8.26 6.66
N THR A 115 6.51 9.52 6.29
CA THR A 115 7.27 10.47 7.10
C THR A 115 6.34 11.10 8.15
N PRO A 116 6.84 11.30 9.37
CA PRO A 116 6.03 11.89 10.45
C PRO A 116 5.37 13.18 9.98
N PRO A 117 4.02 13.23 10.02
CA PRO A 117 3.21 14.37 9.61
C PRO A 117 3.69 15.72 10.14
N GLY A 118 4.07 15.75 11.42
CA GLY A 118 4.54 16.99 12.03
C GLY A 118 5.60 17.70 11.21
N GLU A 119 6.55 16.95 10.68
CA GLU A 119 7.62 17.52 9.87
C GLU A 119 7.33 17.46 8.37
N ILE A 120 6.10 17.76 7.99
CA ILE A 120 5.68 17.73 6.59
C ILE A 120 4.70 18.86 6.29
N LEU A 121 4.93 19.59 5.20
CA LEU A 121 4.02 20.66 4.83
C LEU A 121 2.67 20.08 4.44
N PRO A 122 1.57 20.77 4.80
CA PRO A 122 0.19 20.37 4.51
C PRO A 122 -0.09 19.75 3.15
N GLU A 123 0.28 20.44 2.08
CA GLU A 123 0.02 19.94 0.72
C GLU A 123 0.85 18.70 0.35
N HIS A 124 1.87 18.41 1.15
CA HIS A 124 2.75 17.28 0.89
C HIS A 124 2.40 16.04 1.72
N LEU A 125 1.42 16.18 2.61
CA LEU A 125 0.97 15.06 3.44
C LEU A 125 0.52 13.93 2.54
N GLY A 126 0.93 12.71 2.90
CA GLY A 126 0.61 11.54 2.12
C GLY A 126 -0.67 10.78 2.45
N ILE A 127 -0.76 9.57 1.91
CA ILE A 127 -1.94 8.74 2.11
C ILE A 127 -2.28 8.38 3.55
N LEU A 128 -1.29 7.97 4.34
CA LEU A 128 -1.55 7.59 5.73
C LEU A 128 -2.27 8.66 6.55
N PRO A 129 -1.69 9.86 6.66
CA PRO A 129 -2.36 10.90 7.44
C PRO A 129 -3.72 11.32 6.89
N ARG A 130 -3.88 11.30 5.58
CA ARG A 130 -5.16 11.69 4.99
C ARG A 130 -6.22 10.65 5.26
N ALA A 131 -5.85 9.38 5.14
CA ALA A 131 -6.78 8.29 5.38
C ALA A 131 -7.24 8.31 6.84
N LEU A 132 -6.29 8.42 7.76
CA LEU A 132 -6.63 8.43 9.18
C LEU A 132 -7.59 9.57 9.48
N GLY A 133 -7.36 10.72 8.85
CA GLY A 133 -8.23 11.86 9.05
C GLY A 133 -9.67 11.56 8.68
N ASP A 134 -9.89 10.98 7.51
CA ASP A 134 -11.24 10.65 7.07
C ASP A 134 -11.87 9.50 7.88
N ILE A 135 -11.02 8.63 8.40
CA ILE A 135 -11.49 7.51 9.22
C ILE A 135 -12.07 8.08 10.52
N PHE A 136 -11.32 8.96 11.17
CA PHE A 136 -11.78 9.56 12.41
C PHE A 136 -13.08 10.32 12.18
N GLU A 137 -13.11 11.13 11.13
CA GLU A 137 -14.29 11.92 10.81
C GLU A 137 -15.56 11.09 10.67
N ARG A 138 -15.47 10.01 9.91
CA ARG A 138 -16.62 9.15 9.69
C ARG A 138 -16.99 8.35 10.94
N VAL A 139 -15.99 8.03 11.75
CA VAL A 139 -16.24 7.29 12.98
C VAL A 139 -16.96 8.20 13.97
N THR A 140 -16.58 9.48 13.99
CA THR A 140 -17.20 10.45 14.90
C THR A 140 -18.58 10.85 14.42
N ALA A 141 -18.83 10.69 13.13
CA ALA A 141 -20.12 11.05 12.54
C ALA A 141 -21.12 9.90 12.65
N ARG A 142 -20.59 8.70 12.86
CA ARG A 142 -21.42 7.51 12.97
C ARG A 142 -21.39 6.93 14.39
N GLN A 143 -20.89 7.72 15.34
CA GLN A 143 -20.81 7.27 16.72
C GLN A 143 -22.07 7.63 17.51
N GLU A 144 -23.17 7.89 16.80
CA GLU A 144 -24.44 8.22 17.44
C GLU A 144 -25.59 7.38 16.87
N ASN A 145 -25.36 6.86 15.68
CA ASN A 145 -26.30 5.96 15.03
C ASN A 145 -25.36 4.77 14.94
N ASN A 146 -24.64 4.62 16.05
CA ASN A 146 -23.67 3.59 16.31
C ASN A 146 -24.26 2.33 16.90
N LYS A 147 -23.86 1.18 16.36
CA LYS A 147 -24.35 -0.09 16.85
C LYS A 147 -23.47 -0.46 18.03
N ASP A 148 -22.18 -0.47 17.76
CA ASP A 148 -21.15 -0.76 18.75
C ASP A 148 -20.15 0.41 18.69
N ALA A 149 -19.14 0.39 19.56
CA ALA A 149 -18.13 1.45 19.56
C ALA A 149 -16.96 0.99 18.70
N ILE A 150 -16.28 1.95 18.09
CA ILE A 150 -15.14 1.65 17.23
C ILE A 150 -13.88 2.22 17.83
N GLN A 151 -12.78 1.47 17.75
CA GLN A 151 -11.50 1.96 18.23
C GLN A 151 -10.49 1.81 17.12
N VAL A 152 -9.58 2.77 17.03
CA VAL A 152 -8.57 2.77 15.98
C VAL A 152 -7.16 2.55 16.52
N TYR A 153 -6.37 1.78 15.79
CA TYR A 153 -5.00 1.48 16.19
C TYR A 153 -4.09 1.49 14.98
N ALA A 154 -2.78 1.43 15.23
CA ALA A 154 -1.80 1.39 14.17
C ALA A 154 -0.70 0.41 14.54
N SER A 155 -0.24 -0.35 13.55
CA SER A 155 0.86 -1.29 13.73
C SER A 155 1.88 -0.88 12.69
N PHE A 156 3.16 -1.13 12.98
CA PHE A 156 4.25 -0.78 12.06
C PHE A 156 5.19 -1.98 11.98
N ILE A 157 5.15 -2.67 10.85
CA ILE A 157 5.97 -3.84 10.63
C ILE A 157 6.96 -3.58 9.50
N GLU A 158 8.18 -4.10 9.68
CA GLU A 158 9.23 -3.97 8.69
C GLU A 158 9.66 -5.36 8.28
N ILE A 159 9.90 -5.56 6.98
CA ILE A 159 10.35 -6.83 6.47
C ILE A 159 11.74 -6.62 5.91
N TYR A 160 12.75 -7.08 6.66
CA TYR A 160 14.15 -6.95 6.26
C TYR A 160 14.67 -8.33 5.90
N ASN A 161 15.09 -8.51 4.65
CA ASN A 161 15.59 -9.79 4.17
C ASN A 161 14.64 -10.93 4.50
N GLU A 162 13.39 -10.79 4.09
CA GLU A 162 12.36 -11.79 4.32
C GLU A 162 12.21 -12.20 5.78
N LYS A 163 12.14 -11.21 6.65
CA LYS A 163 11.98 -11.44 8.08
C LYS A 163 11.16 -10.30 8.68
N PRO A 164 10.03 -10.64 9.30
CA PRO A 164 9.14 -9.65 9.93
C PRO A 164 9.65 -9.11 11.26
N PHE A 165 9.53 -7.80 11.43
CA PHE A 165 9.98 -7.11 12.65
C PHE A 165 8.90 -6.15 13.15
N ASP A 166 8.58 -6.24 14.43
CA ASP A 166 7.57 -5.38 15.04
C ASP A 166 8.26 -4.11 15.52
N LEU A 167 8.10 -3.02 14.77
CA LEU A 167 8.74 -1.75 15.09
C LEU A 167 8.12 -0.97 16.25
N LEU A 168 7.02 -1.46 16.80
CA LEU A 168 6.35 -0.77 17.90
C LEU A 168 6.43 -1.55 19.21
N GLY A 169 7.11 -2.70 19.18
CA GLY A 169 7.24 -3.52 20.37
C GLY A 169 8.53 -3.23 21.12
N SER A 170 8.84 -4.06 22.12
CA SER A 170 10.04 -3.90 22.92
C SER A 170 11.27 -4.51 22.26
N THR A 171 11.04 -5.36 21.26
CA THR A 171 12.13 -6.00 20.55
C THR A 171 12.00 -5.78 19.05
N PRO A 172 12.15 -4.51 18.60
CA PRO A 172 12.05 -4.16 17.19
C PRO A 172 13.13 -4.77 16.31
N HIS A 173 14.18 -5.31 16.94
CA HIS A 173 15.27 -5.91 16.21
C HIS A 173 15.28 -7.43 16.33
N MET A 174 14.12 -7.99 16.68
CA MET A 174 13.96 -9.42 16.83
C MET A 174 12.95 -9.97 15.84
N PRO A 175 13.36 -10.98 15.04
CA PRO A 175 12.48 -11.59 14.03
C PRO A 175 11.22 -12.19 14.64
N MET A 176 10.16 -12.27 13.84
CA MET A 176 8.89 -12.84 14.31
C MET A 176 8.63 -14.13 13.53
N VAL A 177 7.81 -15.02 14.10
CA VAL A 177 7.49 -16.28 13.45
C VAL A 177 6.18 -16.87 13.95
N ALA A 178 5.34 -17.30 13.01
CA ALA A 178 4.05 -17.89 13.33
C ALA A 178 3.17 -16.97 14.18
N ALA A 179 3.43 -15.67 14.09
CA ALA A 179 2.67 -14.69 14.86
C ALA A 179 2.71 -13.32 14.23
N ARG A 180 3.57 -13.14 13.23
CA ARG A 180 3.69 -11.85 12.55
C ARG A 180 2.39 -11.55 11.80
N CYS A 181 1.60 -12.59 11.57
CA CYS A 181 0.32 -12.47 10.87
C CYS A 181 -0.71 -11.70 11.69
N GLN A 182 -0.67 -11.87 13.00
CA GLN A 182 -1.63 -11.19 13.86
C GLN A 182 -0.98 -10.63 15.12
N ARG A 183 -0.21 -11.46 15.83
CA ARG A 183 0.45 -11.04 17.06
C ARG A 183 1.54 -9.99 16.86
N CYS A 184 1.14 -8.72 16.94
CA CYS A 184 2.07 -7.60 16.81
C CYS A 184 1.38 -6.36 17.40
N THR A 185 2.13 -5.61 18.18
CA THR A 185 1.60 -4.43 18.85
C THR A 185 0.84 -3.39 18.01
N CYS A 186 -0.37 -3.11 18.45
CA CYS A 186 -1.23 -2.11 17.82
C CYS A 186 -1.36 -0.98 18.82
N LEU A 187 -0.83 0.20 18.48
CA LEU A 187 -0.91 1.33 19.39
C LEU A 187 -2.15 2.16 19.09
N PRO A 188 -2.82 2.67 20.14
CA PRO A 188 -4.03 3.49 20.03
C PRO A 188 -3.87 4.74 19.16
N LEU A 189 -4.93 5.10 18.45
CA LEU A 189 -4.92 6.31 17.63
C LEU A 189 -6.17 7.11 17.92
N HIS A 190 -5.97 8.36 18.35
CA HIS A 190 -7.08 9.25 18.67
C HIS A 190 -6.96 10.56 17.90
N SER A 191 -5.79 10.80 17.34
CA SER A 191 -5.53 12.02 16.58
C SER A 191 -4.26 11.88 15.74
N GLN A 192 -4.02 12.87 14.88
CA GLN A 192 -2.84 12.86 14.02
C GLN A 192 -1.56 12.80 14.84
N ALA A 193 -1.59 13.41 16.02
CA ALA A 193 -0.43 13.44 16.89
C ALA A 193 0.00 12.00 17.20
N ASP A 194 -0.96 11.13 17.47
CA ASP A 194 -0.65 9.75 17.78
C ASP A 194 -0.01 9.05 16.58
N LEU A 195 -0.48 9.36 15.38
CA LEU A 195 0.08 8.78 14.18
C LEU A 195 1.53 9.22 14.08
N HIS A 196 1.76 10.50 14.37
CA HIS A 196 3.10 11.03 14.33
C HIS A 196 4.01 10.26 15.28
N HIS A 197 3.50 9.93 16.47
CA HIS A 197 4.27 9.19 17.45
C HIS A 197 4.68 7.81 16.94
N ILE A 198 3.71 7.03 16.46
CA ILE A 198 4.01 5.69 15.97
C ILE A 198 4.97 5.70 14.78
N LEU A 199 4.84 6.70 13.91
CA LEU A 199 5.72 6.79 12.75
C LEU A 199 7.13 7.16 13.17
N GLU A 200 7.24 8.07 14.13
CA GLU A 200 8.54 8.49 14.63
C GLU A 200 9.19 7.34 15.39
N LEU A 201 8.41 6.69 16.24
CA LEU A 201 8.91 5.56 17.03
C LEU A 201 9.37 4.44 16.10
N GLY A 202 8.52 4.09 15.14
CA GLY A 202 8.86 3.03 14.22
C GLY A 202 10.08 3.35 13.38
N THR A 203 10.18 4.60 12.94
CA THR A 203 11.30 5.02 12.11
C THR A 203 12.62 4.90 12.85
N ARG A 204 12.63 5.25 14.13
CA ARG A 204 13.85 5.16 14.92
C ARG A 204 14.27 3.70 15.11
N ASN A 205 13.30 2.84 15.42
CA ASN A 205 13.60 1.42 15.63
C ASN A 205 13.80 0.66 14.33
N ARG A 206 13.86 1.39 13.22
CA ARG A 206 14.04 0.77 11.92
C ARG A 206 15.52 0.75 11.53
N ARG A 207 15.98 -0.38 11.03
CA ARG A 207 17.38 -0.54 10.63
C ARG A 207 17.59 -0.16 9.18
N SER A 218 19.43 -6.49 0.64
CA SER A 218 19.56 -5.11 1.11
C SER A 218 18.26 -4.35 0.92
N ARG A 219 17.13 -4.99 1.20
CA ARG A 219 15.83 -4.36 1.04
C ARG A 219 15.02 -4.32 2.33
N SER A 220 14.35 -3.19 2.55
CA SER A 220 13.53 -2.99 3.75
C SER A 220 12.14 -2.48 3.39
N HIS A 221 11.13 -3.33 3.59
CA HIS A 221 9.75 -2.97 3.28
C HIS A 221 9.04 -2.51 4.54
N ALA A 222 8.11 -1.56 4.40
CA ALA A 222 7.37 -1.08 5.55
C ALA A 222 5.88 -1.29 5.36
N ILE A 223 5.22 -1.68 6.44
CA ILE A 223 3.79 -1.92 6.42
C ILE A 223 3.15 -1.27 7.64
N VAL A 224 2.51 -0.13 7.42
CA VAL A 224 1.83 0.57 8.51
C VAL A 224 0.36 0.26 8.30
N THR A 225 -0.26 -0.32 9.32
CA THR A 225 -1.65 -0.69 9.23
C THR A 225 -2.53 0.06 10.20
N ILE A 226 -3.60 0.63 9.65
CA ILE A 226 -4.59 1.33 10.46
C ILE A 226 -5.65 0.27 10.73
N HIS A 227 -5.83 -0.06 12.00
CA HIS A 227 -6.80 -1.06 12.42
C HIS A 227 -8.06 -0.42 12.96
N VAL A 228 -9.20 -0.91 12.47
CA VAL A 228 -10.51 -0.45 12.89
C VAL A 228 -11.11 -1.65 13.62
N LYS A 229 -11.25 -1.53 14.93
CA LYS A 229 -11.76 -2.62 15.77
C LYS A 229 -13.03 -2.33 16.53
N SER A 230 -13.93 -3.32 16.53
CA SER A 230 -15.18 -3.24 17.26
C SER A 230 -15.29 -4.58 17.97
N LYS A 231 -16.29 -4.73 18.83
CA LYS A 231 -16.48 -5.96 19.58
C LYS A 231 -16.61 -7.17 18.67
N THR A 232 -17.18 -6.98 17.49
CA THR A 232 -17.39 -8.09 16.56
C THR A 232 -16.67 -7.99 15.23
N HIS A 233 -16.06 -6.83 14.96
CA HIS A 233 -15.37 -6.63 13.69
C HIS A 233 -13.96 -6.07 13.81
N HIS A 234 -13.14 -6.41 12.82
CA HIS A 234 -11.76 -5.96 12.74
C HIS A 234 -11.41 -5.81 11.27
N SER A 235 -11.22 -4.57 10.83
CA SER A 235 -10.86 -4.32 9.44
C SER A 235 -9.52 -3.61 9.46
N ARG A 236 -8.75 -3.84 8.41
CA ARG A 236 -7.43 -3.25 8.33
C ARG A 236 -7.21 -2.44 7.07
N MET A 237 -6.45 -1.36 7.20
CA MET A 237 -6.07 -0.57 6.05
C MET A 237 -4.56 -0.66 6.07
N ASN A 238 -4.04 -1.54 5.23
CA ASN A 238 -2.60 -1.76 5.15
C ASN A 238 -1.97 -0.79 4.16
N ILE A 239 -1.07 0.05 4.65
CA ILE A 239 -0.37 0.99 3.81
C ILE A 239 1.02 0.39 3.68
N VAL A 240 1.30 -0.13 2.48
CA VAL A 240 2.58 -0.78 2.23
C VAL A 240 3.53 0.04 1.37
N ASP A 241 4.76 0.18 1.86
CA ASP A 241 5.80 0.94 1.18
C ASP A 241 6.95 -0.04 0.99
N LEU A 242 7.01 -0.65 -0.20
CA LEU A 242 8.06 -1.62 -0.48
C LEU A 242 9.42 -0.99 -0.76
N ALA A 243 10.47 -1.77 -0.56
CA ALA A 243 11.84 -1.28 -0.80
C ALA A 243 12.01 -1.14 -2.31
N GLY A 244 13.13 -0.56 -2.73
CA GLY A 244 13.36 -0.38 -4.15
C GLY A 244 13.28 -1.68 -4.93
N SER A 245 12.64 -1.63 -6.09
CA SER A 245 12.49 -2.80 -6.94
C SER A 245 13.67 -3.00 -7.90
N GLU A 246 14.59 -2.04 -7.93
CA GLU A 246 15.73 -2.15 -8.83
C GLU A 246 16.64 -3.31 -8.44
N GLY A 247 17.31 -3.89 -9.43
CA GLY A 247 18.21 -5.01 -9.17
C GLY A 247 19.64 -4.55 -8.95
N VAL A 248 20.59 -5.47 -9.09
CA VAL A 248 22.01 -5.17 -8.91
C VAL A 248 22.30 -4.67 -7.50
N VAL A 262 13.82 -13.98 -1.99
CA VAL A 262 14.07 -14.60 -3.28
C VAL A 262 13.89 -13.61 -4.43
N ASN A 263 14.98 -12.98 -4.84
CA ASN A 263 15.00 -12.04 -5.96
C ASN A 263 14.53 -10.58 -5.78
N ILE A 264 14.54 -10.09 -4.55
CA ILE A 264 14.32 -8.67 -4.28
C ILE A 264 12.83 -8.32 -4.36
N ASN A 265 12.30 -8.30 -5.59
CA ASN A 265 10.88 -8.59 -5.81
C ASN A 265 10.55 -10.06 -5.53
N LEU A 266 9.27 -10.33 -5.32
CA LEU A 266 8.83 -11.65 -4.89
C LEU A 266 7.58 -11.56 -4.03
N GLY A 267 7.54 -10.56 -3.14
CA GLY A 267 6.31 -10.18 -2.47
C GLY A 267 5.16 -9.98 -3.43
N LEU A 268 4.88 -8.73 -3.76
CA LEU A 268 3.97 -8.41 -4.86
C LEU A 268 3.90 -9.55 -5.87
N LEU A 269 5.05 -9.87 -6.47
CA LEU A 269 5.18 -11.10 -7.24
C LEU A 269 4.37 -12.24 -6.63
N SER A 270 4.80 -12.69 -5.46
CA SER A 270 4.00 -13.61 -4.66
C SER A 270 2.56 -13.12 -4.51
N ILE A 271 2.36 -11.81 -4.53
CA ILE A 271 1.01 -11.25 -4.43
C ILE A 271 0.18 -11.63 -5.65
N ASN A 272 0.78 -11.57 -6.83
CA ASN A 272 0.05 -11.91 -8.04
C ASN A 272 -0.35 -13.37 -8.04
N LYS A 273 0.53 -14.23 -7.54
CA LYS A 273 0.24 -15.65 -7.49
C LYS A 273 -0.95 -15.89 -6.57
N VAL A 274 -0.99 -15.16 -5.46
CA VAL A 274 -2.09 -15.27 -4.52
C VAL A 274 -3.37 -14.83 -5.19
N VAL A 275 -3.33 -13.69 -5.89
CA VAL A 275 -4.52 -13.19 -6.57
C VAL A 275 -5.04 -14.20 -7.59
N MET A 276 -4.14 -14.81 -8.33
CA MET A 276 -4.52 -15.80 -9.34
C MET A 276 -5.06 -17.08 -8.71
N SER A 277 -4.34 -17.60 -7.73
CA SER A 277 -4.73 -18.81 -7.02
C SER A 277 -6.15 -18.72 -6.47
N MET A 278 -6.51 -17.53 -6.01
CA MET A 278 -7.84 -17.30 -5.45
C MET A 278 -8.89 -17.33 -6.55
N ALA A 279 -8.59 -16.67 -7.66
CA ALA A 279 -9.52 -16.61 -8.79
C ALA A 279 -9.82 -18.00 -9.33
N ALA A 280 -8.77 -18.76 -9.65
CA ALA A 280 -8.92 -20.10 -10.19
C ALA A 280 -9.31 -21.10 -9.09
N GLY A 281 -9.33 -20.62 -7.85
CA GLY A 281 -9.67 -21.48 -6.73
C GLY A 281 -8.79 -22.71 -6.67
N HIS A 282 -7.50 -22.51 -6.40
CA HIS A 282 -6.57 -23.62 -6.31
C HIS A 282 -6.69 -24.39 -5.00
N THR A 283 -7.66 -24.00 -4.18
CA THR A 283 -7.89 -24.64 -2.89
C THR A 283 -6.56 -24.94 -2.21
N VAL A 284 -5.57 -24.08 -2.46
CA VAL A 284 -4.39 -23.80 -1.63
C VAL A 284 -3.73 -22.51 -2.11
N ILE A 285 -3.73 -21.50 -1.25
CA ILE A 285 -3.14 -20.20 -1.59
C ILE A 285 -1.69 -20.11 -1.13
N PRO A 286 -0.78 -19.73 -2.03
CA PRO A 286 0.64 -19.61 -1.74
C PRO A 286 1.01 -18.42 -0.85
N TYR A 287 0.34 -18.30 0.29
CA TYR A 287 0.60 -17.21 1.22
C TYR A 287 2.03 -17.25 1.73
N ARG A 288 2.54 -18.45 2.00
CA ARG A 288 3.90 -18.58 2.52
C ARG A 288 5.00 -18.43 1.49
N ASP A 289 4.64 -18.08 0.26
CA ASP A 289 5.62 -17.88 -0.79
C ASP A 289 6.54 -16.70 -0.44
N SER A 290 6.06 -15.83 0.45
CA SER A 290 6.85 -14.67 0.87
C SER A 290 6.32 -14.12 2.19
N VAL A 291 7.17 -13.39 2.90
CA VAL A 291 6.79 -12.79 4.16
C VAL A 291 5.68 -11.77 3.94
N LEU A 292 5.75 -11.05 2.83
CA LEU A 292 4.75 -10.02 2.52
C LEU A 292 3.33 -10.61 2.45
N THR A 293 3.18 -11.70 1.71
CA THR A 293 1.87 -12.31 1.55
C THR A 293 1.45 -13.07 2.81
N THR A 294 2.41 -13.36 3.69
CA THR A 294 2.12 -14.05 4.93
C THR A 294 1.56 -13.03 5.93
N VAL A 295 2.26 -11.91 6.07
CA VAL A 295 1.83 -10.85 6.97
C VAL A 295 0.47 -10.29 6.55
N LEU A 296 0.25 -10.18 5.24
CA LEU A 296 -1.01 -9.64 4.75
C LEU A 296 -2.03 -10.74 4.42
N GLN A 297 -1.79 -11.95 4.90
CA GLN A 297 -2.68 -13.07 4.64
C GLN A 297 -4.15 -12.79 5.00
N ALA A 298 -4.37 -12.19 6.16
CA ALA A 298 -5.73 -11.89 6.61
C ALA A 298 -6.37 -10.81 5.74
N SER A 299 -5.56 -10.02 5.05
CA SER A 299 -6.10 -8.97 4.21
C SER A 299 -6.24 -9.40 2.74
N LEU A 300 -5.59 -10.50 2.39
CA LEU A 300 -5.65 -11.03 1.04
C LEU A 300 -6.69 -12.15 0.97
N THR A 301 -7.92 -11.80 1.31
CA THR A 301 -9.02 -12.75 1.32
C THR A 301 -10.20 -12.27 0.49
N ALA A 302 -11.23 -13.10 0.41
CA ALA A 302 -12.42 -12.76 -0.35
C ALA A 302 -13.02 -11.44 0.07
N GLN A 303 -13.54 -10.71 -0.91
CA GLN A 303 -14.16 -9.41 -0.69
C GLN A 303 -13.22 -8.55 0.16
N SER A 304 -11.93 -8.65 -0.09
CA SER A 304 -10.94 -7.66 0.35
C SER A 304 -10.57 -6.79 -0.85
N TYR A 305 -9.93 -5.65 -0.57
CA TYR A 305 -9.52 -4.71 -1.61
C TYR A 305 -8.01 -4.58 -1.71
N LEU A 306 -7.50 -4.60 -2.94
CA LEU A 306 -6.07 -4.48 -3.17
C LEU A 306 -5.81 -3.41 -4.23
N THR A 307 -5.00 -2.41 -3.87
CA THR A 307 -4.68 -1.33 -4.79
C THR A 307 -3.16 -1.14 -4.89
N PHE A 308 -2.67 -1.23 -6.12
CA PHE A 308 -1.24 -1.06 -6.42
C PHE A 308 -0.94 0.34 -6.87
N LEU A 309 0.17 0.90 -6.40
CA LEU A 309 0.58 2.23 -6.82
C LEU A 309 2.00 2.07 -7.34
N ALA A 310 2.14 2.07 -8.66
CA ALA A 310 3.44 1.94 -9.31
C ALA A 310 4.02 3.33 -9.43
N CYS A 311 5.17 3.55 -8.83
CA CYS A 311 5.82 4.84 -8.90
C CYS A 311 6.95 4.68 -9.90
N ILE A 312 7.04 5.60 -10.85
CA ILE A 312 8.07 5.53 -11.90
C ILE A 312 8.81 6.83 -12.13
N SER A 313 10.07 6.67 -12.53
CA SER A 313 10.93 7.81 -12.83
C SER A 313 10.66 8.27 -14.26
N PRO A 314 10.70 9.58 -14.49
CA PRO A 314 10.47 10.13 -15.83
C PRO A 314 11.80 10.24 -16.57
N HIS A 315 12.87 9.86 -15.90
CA HIS A 315 14.23 9.95 -16.43
C HIS A 315 14.63 8.81 -17.36
N GLN A 316 15.26 9.17 -18.47
CA GLN A 316 15.71 8.21 -19.46
C GLN A 316 16.63 7.15 -18.87
N CYS A 317 17.51 7.56 -17.95
CA CYS A 317 18.46 6.66 -17.31
C CYS A 317 17.79 5.55 -16.50
N ASP A 318 16.53 5.76 -16.14
CA ASP A 318 15.80 4.76 -15.37
C ASP A 318 14.79 3.99 -16.21
N LEU A 319 14.90 4.11 -17.53
CA LEU A 319 13.97 3.45 -18.46
C LEU A 319 13.73 1.98 -18.15
N SER A 320 14.82 1.25 -17.93
CA SER A 320 14.74 -0.18 -17.66
C SER A 320 13.95 -0.50 -16.39
N GLU A 321 14.20 0.26 -15.33
CA GLU A 321 13.51 0.05 -14.07
C GLU A 321 12.04 0.43 -14.24
N THR A 322 11.81 1.51 -14.96
CA THR A 322 10.45 1.97 -15.20
C THR A 322 9.67 0.90 -15.97
N LEU A 323 10.26 0.37 -17.04
CA LEU A 323 9.59 -0.68 -17.82
C LEU A 323 9.26 -1.89 -16.96
N SER A 324 10.18 -2.28 -16.09
CA SER A 324 9.97 -3.44 -15.23
C SER A 324 8.76 -3.21 -14.33
N THR A 325 8.69 -2.01 -13.78
CA THR A 325 7.62 -1.64 -12.88
C THR A 325 6.27 -1.62 -13.61
N LEU A 326 6.26 -1.07 -14.82
CA LEU A 326 5.02 -1.01 -15.59
C LEU A 326 4.58 -2.40 -16.07
N ARG A 327 5.55 -3.23 -16.47
CA ARG A 327 5.21 -4.58 -16.93
C ARG A 327 4.57 -5.36 -15.78
N PHE A 328 5.06 -5.16 -14.56
CA PHE A 328 4.47 -5.86 -13.44
C PHE A 328 3.02 -5.41 -13.26
N GLY A 329 2.77 -4.11 -13.46
CA GLY A 329 1.43 -3.58 -13.33
C GLY A 329 0.47 -4.26 -14.30
N THR A 330 0.95 -4.50 -15.50
CA THR A 330 0.15 -5.16 -16.52
C THR A 330 -0.18 -6.58 -16.07
N SER A 331 0.80 -7.27 -15.49
CA SER A 331 0.59 -8.64 -15.02
C SER A 331 -0.43 -8.69 -13.88
N ALA A 332 -0.26 -7.80 -12.90
CA ALA A 332 -1.18 -7.75 -11.77
C ALA A 332 -2.56 -7.39 -12.30
N LYS A 333 -2.58 -6.62 -13.38
CA LYS A 333 -3.82 -6.19 -14.01
C LYS A 333 -4.60 -7.37 -14.58
N ALA A 334 -3.87 -8.33 -15.14
CA ALA A 334 -4.47 -9.52 -15.74
C ALA A 334 -4.89 -10.49 -14.65
N ALA A 335 -4.11 -10.55 -13.58
CA ALA A 335 -4.41 -11.44 -12.47
C ALA A 335 -5.65 -10.96 -11.73
N ALA A 336 -5.93 -9.66 -11.82
CA ALA A 336 -7.09 -9.07 -11.15
C ALA A 336 -8.39 -9.51 -11.82
N LEU A 337 -8.27 -10.16 -12.98
CA LEU A 337 -9.44 -10.63 -13.71
C LEU A 337 -10.23 -11.65 -12.89
N GLU A 338 -11.51 -11.79 -13.22
CA GLU A 338 -12.39 -12.73 -12.53
C GLU A 338 -12.67 -12.28 -11.09
N HIS A 339 -12.22 -11.08 -10.74
CA HIS A 339 -12.46 -10.53 -9.41
C HIS A 339 -13.49 -9.42 -9.45
MG MG B . 11.09 5.02 0.56
PB ADP C . 11.10 6.48 -2.58
O1B ADP C . 10.35 5.75 -3.62
O2B ADP C . 10.38 6.28 -1.20
O3B ADP C . 12.65 5.82 -2.57
PA ADP C . 10.63 9.10 -1.87
O1A ADP C . 9.24 8.80 -1.60
O2A ADP C . 11.51 8.96 -0.56
O3A ADP C . 11.17 8.05 -3.02
O5' ADP C . 10.74 10.56 -2.52
C5' ADP C . 12.11 10.88 -2.76
C4' ADP C . 12.26 12.41 -2.76
O4' ADP C . 11.46 13.00 -3.81
C3' ADP C . 11.74 13.01 -1.40
O3' ADP C . 12.25 14.32 -1.19
C2' ADP C . 10.25 13.32 -1.84
O2' ADP C . 9.69 14.38 -1.05
C1' ADP C . 10.42 13.84 -3.29
N9 ADP C . 9.20 13.62 -4.07
C8 ADP C . 8.79 12.44 -4.63
N7 ADP C . 7.59 12.55 -5.14
C5 ADP C . 7.24 13.87 -5.12
C6 ADP C . 6.09 14.61 -5.50
N6 ADP C . 5.08 14.02 -6.23
N1 ADP C . 6.02 15.92 -5.16
C2 ADP C . 7.04 16.55 -4.58
N3 ADP C . 8.13 15.89 -4.17
C4 ADP C . 8.24 14.56 -4.37
#